data_4MY2
#
_entry.id   4MY2
#
_cell.length_a   59.458
_cell.length_b   79.022
_cell.length_c   104.241
_cell.angle_alpha   90.00
_cell.angle_beta   90.00
_cell.angle_gamma   90.00
#
_symmetry.space_group_name_H-M   'P 21 21 2'
#
loop_
_entity.id
_entity.type
_entity.pdbx_description
1 polymer 'Maltose-binding periplasmic protein, Norrin fusion protein'
2 branched alpha-D-glucopyranose-(1-4)-alpha-D-glucopyranose
3 water water
#
_entity_poly.entity_id   1
_entity_poly.type   'polypeptide(L)'
_entity_poly.pdbx_seq_one_letter_code
;MAKIEEGKLVIWINGDKGYNGLAEVGKKFEKDTGIKVTVEHPDKLEEKFPQVAATGDGPDIIFWAHDRFGGYAQSGLLAE
ITPDKAFQDKLYPFTWDAVRYNGKLIAYPIAVEALSLIYNKDLLPNPPKTWEEIPALDKELKAKGKSALMFNLQEPYFTW
PLIAADGGYAFKYENGKYDIKDVGVDNAGAKAGLTFLVDLIKNKHMNADTDYSIAEAAFNKGETAMTINGPWAWSNIDTS
KVNYGVTVLPTFKGQPSKPFVGVLSAGINAASPNKELAKEFLENYLLTDEGLEAVNKDKPLGAVALKSYEEELAKDPRIA
ATMENAQKGEIMPNIPQMSAFWYAVRTAVINAASGRQTVDEALKDAQTNAAAEFIMDSDPRRCMRHHYVDSISHPLYKCS
SKMVLLARCEGHCSQASRSEPLVSFSTVLKQPFRSSCHCCRPQTSKLKALRLRCSGGMRLTATYRYILSCHCEECNS
;
_entity_poly.pdbx_strand_id   A
#
loop_
_chem_comp.id
_chem_comp.type
_chem_comp.name
_chem_comp.formula
GLC D-saccharide, alpha linking alpha-D-glucopyranose 'C6 H12 O6'
#
# COMPACT_ATOMS: atom_id res chain seq x y z
N ILE A 4 -3.13 9.45 16.59
CA ILE A 4 -3.56 8.02 16.77
C ILE A 4 -4.00 7.85 18.21
N GLU A 5 -4.91 6.91 18.45
CA GLU A 5 -5.54 6.80 19.74
C GLU A 5 -4.98 5.58 20.47
N GLU A 6 -4.55 5.77 21.71
CA GLU A 6 -4.08 4.64 22.49
C GLU A 6 -5.31 3.85 22.97
N GLY A 7 -5.19 2.52 22.86
CA GLY A 7 -6.26 1.61 23.26
C GLY A 7 -7.26 1.32 22.15
N LYS A 8 -6.82 1.38 20.91
CA LYS A 8 -7.66 1.06 19.77
C LYS A 8 -6.76 0.74 18.58
N LEU A 9 -7.32 0.12 17.55
CA LEU A 9 -6.53 -0.17 16.35
C LEU A 9 -7.30 0.30 15.16
N VAL A 10 -6.70 1.19 14.38
CA VAL A 10 -7.25 1.61 13.12
C VAL A 10 -6.38 0.96 12.05
N ILE A 11 -7.05 0.27 11.11
CA ILE A 11 -6.43 -0.52 10.04
C ILE A 11 -6.94 -0.05 8.70
N TRP A 12 -6.00 0.15 7.77
CA TRP A 12 -6.26 0.48 6.35
C TRP A 12 -5.88 -0.65 5.37
N ILE A 13 -6.81 -0.97 4.50
CA ILE A 13 -6.67 -2.05 3.55
C ILE A 13 -7.47 -1.59 2.32
N ASN A 14 -7.07 -2.10 1.16
CA ASN A 14 -7.62 -1.66 -0.08
C ASN A 14 -9.07 -2.09 -0.21
N GLY A 15 -9.84 -1.23 -0.84
CA GLY A 15 -11.25 -1.51 -1.03
C GLY A 15 -11.62 -2.73 -1.85
N ASP A 16 -10.71 -3.28 -2.63
CA ASP A 16 -10.97 -4.52 -3.39
C ASP A 16 -10.69 -5.82 -2.59
N LYS A 17 -10.29 -5.67 -1.33
CA LYS A 17 -9.96 -6.81 -0.47
C LYS A 17 -11.02 -7.01 0.59
N GLY A 18 -10.95 -8.14 1.27
CA GLY A 18 -12.00 -8.51 2.20
C GLY A 18 -12.01 -7.80 3.53
N TYR A 19 -12.29 -6.49 3.52
CA TYR A 19 -12.33 -5.72 4.78
C TYR A 19 -13.43 -6.13 5.76
N ASN A 20 -14.62 -6.53 5.30
CA ASN A 20 -15.62 -7.03 6.23
C ASN A 20 -15.10 -8.30 6.93
N GLY A 21 -14.48 -9.23 6.19
CA GLY A 21 -13.89 -10.40 6.81
C GLY A 21 -12.87 -9.97 7.88
N LEU A 22 -12.08 -8.95 7.56
CA LEU A 22 -11.01 -8.51 8.47
C LEU A 22 -11.60 -7.90 9.73
N ALA A 23 -12.78 -7.29 9.59
CA ALA A 23 -13.55 -6.72 10.68
C ALA A 23 -14.17 -7.77 11.56
N GLU A 24 -14.40 -8.97 11.05
CA GLU A 24 -14.87 -10.05 11.91
C GLU A 24 -13.70 -10.55 12.74
N VAL A 25 -12.49 -10.46 12.19
CA VAL A 25 -11.30 -10.81 13.00
C VAL A 25 -11.14 -9.75 14.07
N GLY A 26 -11.24 -8.49 13.67
CA GLY A 26 -11.32 -7.39 14.61
C GLY A 26 -12.30 -7.57 15.77
N LYS A 27 -13.46 -8.19 15.52
CA LYS A 27 -14.49 -8.37 16.56
C LYS A 27 -14.08 -9.42 17.56
N LYS A 28 -13.48 -10.49 17.08
CA LYS A 28 -12.95 -11.47 17.98
C LYS A 28 -11.91 -10.79 18.88
N PHE A 29 -11.07 -9.94 18.32
CA PHE A 29 -10.02 -9.31 19.10
C PHE A 29 -10.61 -8.38 20.16
N GLU A 30 -11.70 -7.70 19.82
CA GLU A 30 -12.41 -6.84 20.74
C GLU A 30 -12.99 -7.69 21.84
N LYS A 31 -13.56 -8.82 21.49
CA LYS A 31 -14.17 -9.63 22.49
C LYS A 31 -13.10 -10.05 23.50
N ASP A 32 -11.99 -10.60 23.04
CA ASP A 32 -10.97 -11.06 23.98
C ASP A 32 -10.21 -9.97 24.72
N THR A 33 -10.00 -8.79 24.13
CA THR A 33 -9.13 -7.76 24.74
C THR A 33 -9.85 -6.45 25.12
N GLY A 34 -11.02 -6.23 24.56
CA GLY A 34 -11.72 -4.96 24.76
C GLY A 34 -11.32 -3.89 23.76
N ILE A 35 -10.32 -4.16 22.91
CA ILE A 35 -9.79 -3.17 21.98
C ILE A 35 -10.65 -3.11 20.73
N LYS A 36 -11.16 -1.92 20.43
CA LYS A 36 -11.99 -1.69 19.26
C LYS A 36 -11.10 -1.62 18.03
N VAL A 37 -11.36 -2.52 17.09
CA VAL A 37 -10.71 -2.47 15.80
C VAL A 37 -11.58 -1.79 14.74
N THR A 38 -11.04 -0.78 14.04
CA THR A 38 -11.74 -0.15 12.95
C THR A 38 -11.00 -0.41 11.64
N VAL A 39 -11.72 -0.93 10.66
CA VAL A 39 -11.16 -1.17 9.35
C VAL A 39 -11.76 -0.19 8.37
N GLU A 40 -10.89 0.56 7.71
CA GLU A 40 -11.31 1.52 6.71
C GLU A 40 -10.57 1.21 5.45
N HIS A 41 -11.08 1.76 4.35
CA HIS A 41 -10.56 1.50 3.03
C HIS A 41 -10.65 2.76 2.19
N PRO A 42 -9.77 3.75 2.45
CA PRO A 42 -9.72 4.98 1.64
C PRO A 42 -9.31 4.67 0.24
N ASP A 43 -9.66 5.54 -0.69
CA ASP A 43 -9.08 5.41 -1.99
C ASP A 43 -7.73 6.10 -1.98
N LYS A 44 -6.94 5.75 -2.98
CA LYS A 44 -5.57 6.23 -3.16
C LYS A 44 -4.71 5.89 -1.95
N LEU A 45 -5.00 4.72 -1.38
CA LEU A 45 -4.47 4.29 -0.10
C LEU A 45 -2.94 4.28 -0.05
N GLU A 46 -2.33 3.74 -1.08
CA GLU A 46 -0.89 3.61 -1.12
C GLU A 46 -0.23 4.98 -1.17
N GLU A 47 -1.00 6.00 -1.50
CA GLU A 47 -0.54 7.40 -1.59
C GLU A 47 -0.89 8.17 -0.34
N LYS A 48 -1.98 7.77 0.30
CA LYS A 48 -2.51 8.50 1.44
C LYS A 48 -1.76 8.17 2.73
N PHE A 49 -1.32 6.94 2.86
CA PHE A 49 -0.62 6.50 4.04
C PHE A 49 0.66 7.30 4.29
N PRO A 50 1.57 7.38 3.31
CA PRO A 50 2.81 8.16 3.52
C PRO A 50 2.50 9.61 3.84
N GLN A 51 1.40 10.11 3.29
CA GLN A 51 1.03 11.51 3.51
C GLN A 51 0.59 11.78 4.95
N VAL A 52 -0.27 10.95 5.53
CA VAL A 52 -0.63 11.16 6.94
C VAL A 52 0.43 10.64 7.93
N ALA A 53 1.10 9.54 7.57
CA ALA A 53 2.14 8.96 8.42
C ALA A 53 3.37 9.86 8.53
N ALA A 54 3.73 10.57 7.47
CA ALA A 54 4.78 11.60 7.57
C ALA A 54 4.43 12.66 8.62
N THR A 55 3.16 12.82 8.94
CA THR A 55 2.82 13.79 9.99
C THR A 55 2.55 13.11 11.33
N GLY A 56 2.93 11.84 11.47
CA GLY A 56 2.74 11.13 12.72
C GLY A 56 1.28 10.74 12.94
N ASP A 57 0.55 10.64 11.84
CA ASP A 57 -0.86 10.34 11.89
C ASP A 57 -1.15 9.01 11.17
N GLY A 58 -2.42 8.73 10.88
CA GLY A 58 -2.75 7.60 10.04
C GLY A 58 -3.11 6.38 10.85
N PRO A 59 -3.21 5.23 10.19
CA PRO A 59 -3.65 4.01 10.83
C PRO A 59 -2.54 3.40 11.64
N ASP A 60 -2.88 2.57 12.61
CA ASP A 60 -1.89 1.75 13.31
C ASP A 60 -1.31 0.69 12.37
N ILE A 61 -2.15 0.15 11.49
CA ILE A 61 -1.74 -0.91 10.59
C ILE A 61 -2.15 -0.59 9.17
N ILE A 62 -1.21 -0.79 8.25
CA ILE A 62 -1.46 -0.57 6.85
C ILE A 62 -1.23 -1.85 6.07
N PHE A 63 -2.18 -2.16 5.18
CA PHE A 63 -2.10 -3.32 4.30
C PHE A 63 -1.91 -2.83 2.88
N TRP A 64 -0.94 -3.43 2.19
CA TRP A 64 -0.71 -3.18 0.79
C TRP A 64 0.22 -4.25 0.31
N ALA A 65 0.26 -4.50 -0.98
CA ALA A 65 1.30 -5.34 -1.50
C ALA A 65 2.69 -4.82 -1.07
N HIS A 66 3.65 -5.71 -0.95
CA HIS A 66 4.97 -5.41 -0.42
C HIS A 66 5.85 -4.46 -1.26
N ASP A 67 5.48 -4.16 -2.50
CA ASP A 67 6.35 -3.32 -3.34
C ASP A 67 6.46 -1.88 -2.86
N ARG A 68 5.41 -1.39 -2.19
CA ARG A 68 5.44 -0.07 -1.61
C ARG A 68 6.20 0.00 -0.29
N PHE A 69 6.48 -1.13 0.35
CA PHE A 69 6.91 -1.05 1.74
C PHE A 69 8.38 -0.66 1.87
N GLY A 70 9.19 -0.97 0.87
CA GLY A 70 10.57 -0.49 0.88
C GLY A 70 10.62 1.02 1.00
N GLY A 71 9.82 1.68 0.17
CA GLY A 71 9.66 3.12 0.16
C GLY A 71 9.25 3.68 1.48
N TYR A 72 8.20 3.10 2.08
CA TYR A 72 7.72 3.47 3.41
C TYR A 72 8.81 3.35 4.49
N ALA A 73 9.52 2.22 4.48
CA ALA A 73 10.56 1.98 5.46
C ALA A 73 11.71 2.99 5.38
N GLN A 74 12.18 3.26 4.17
CA GLN A 74 13.21 4.26 3.97
C GLN A 74 12.87 5.57 4.67
N SER A 75 11.64 6.09 4.51
CA SER A 75 11.24 7.34 5.16
C SER A 75 10.95 7.21 6.64
N GLY A 76 10.97 6.01 7.19
CA GLY A 76 10.76 5.82 8.61
C GLY A 76 9.29 5.76 8.99
N LEU A 77 8.42 5.27 8.11
CA LEU A 77 7.00 5.18 8.46
C LEU A 77 6.58 3.89 9.13
N LEU A 78 7.46 2.92 9.16
CA LEU A 78 7.11 1.59 9.60
C LEU A 78 7.97 1.11 10.76
N ALA A 79 7.35 0.53 11.78
CA ALA A 79 8.09 -0.06 12.88
C ALA A 79 8.73 -1.33 12.39
N GLU A 80 9.76 -1.78 13.09
CA GLU A 80 10.36 -3.07 12.81
C GLU A 80 9.50 -4.10 13.54
N ILE A 81 9.34 -5.27 12.98
CA ILE A 81 8.43 -6.25 13.57
C ILE A 81 9.30 -7.35 14.19
N THR A 82 8.82 -7.96 15.28
CA THR A 82 9.63 -8.86 16.09
C THR A 82 9.05 -10.27 16.25
N PRO A 83 8.58 -10.90 15.16
CA PRO A 83 8.19 -12.33 15.30
C PRO A 83 9.32 -13.23 15.79
N ASP A 84 9.04 -14.13 16.73
CA ASP A 84 10.06 -15.03 17.15
C ASP A 84 10.11 -16.15 16.12
N LYS A 85 11.13 -16.98 16.26
CA LYS A 85 11.42 -18.03 15.29
C LYS A 85 10.25 -18.95 15.17
N ALA A 86 9.59 -19.27 16.28
CA ALA A 86 8.45 -20.16 16.21
C ALA A 86 7.39 -19.58 15.28
N PHE A 87 7.16 -18.27 15.35
CA PHE A 87 6.19 -17.66 14.43
C PHE A 87 6.75 -17.60 13.00
N GLN A 88 8.00 -17.23 12.86
CA GLN A 88 8.60 -17.21 11.56
C GLN A 88 8.37 -18.49 10.76
N ASP A 89 8.50 -19.65 11.41
CA ASP A 89 8.41 -20.93 10.70
C ASP A 89 7.01 -21.25 10.24
N LYS A 90 6.00 -20.60 10.80
CA LYS A 90 4.63 -20.85 10.37
C LYS A 90 4.36 -20.23 9.01
N LEU A 91 5.27 -19.41 8.49
CA LEU A 91 5.05 -18.79 7.16
C LEU A 91 6.15 -19.14 6.15
N TYR A 92 5.82 -19.15 4.86
CA TYR A 92 6.79 -19.50 3.82
C TYR A 92 7.97 -18.53 3.75
N PRO A 93 9.19 -19.07 3.79
CA PRO A 93 10.34 -18.17 3.78
C PRO A 93 10.36 -17.13 2.64
N PHE A 94 9.99 -17.51 1.43
CA PHE A 94 10.00 -16.51 0.36
C PHE A 94 9.00 -15.34 0.62
N THR A 95 7.98 -15.53 1.46
CA THR A 95 7.08 -14.42 1.78
C THR A 95 7.72 -13.50 2.79
N TRP A 96 8.50 -14.02 3.72
CA TRP A 96 9.30 -13.13 4.58
C TRP A 96 10.33 -12.40 3.79
N ASP A 97 10.86 -13.01 2.73
CA ASP A 97 11.88 -12.31 1.96
C ASP A 97 11.30 -11.05 1.31
N ALA A 98 10.04 -11.12 0.88
CA ALA A 98 9.38 -9.99 0.25
C ALA A 98 9.21 -8.81 1.20
N VAL A 99 9.21 -9.07 2.50
CA VAL A 99 9.07 -8.02 3.51
C VAL A 99 10.34 -7.72 4.31
N ARG A 100 11.48 -8.25 3.89
CA ARG A 100 12.77 -7.92 4.47
C ARG A 100 13.35 -6.70 3.73
N TYR A 101 13.77 -5.68 4.45
CA TYR A 101 14.32 -4.53 3.78
C TYR A 101 15.50 -4.03 4.57
N ASN A 102 16.60 -3.80 3.86
CA ASN A 102 17.91 -3.46 4.43
C ASN A 102 18.19 -4.26 5.67
N GLY A 103 17.95 -5.55 5.56
CA GLY A 103 18.23 -6.50 6.64
C GLY A 103 17.18 -6.65 7.74
N LYS A 104 16.06 -5.92 7.65
CA LYS A 104 15.03 -6.04 8.69
C LYS A 104 13.63 -6.32 8.16
N LEU A 105 12.85 -6.99 8.99
CA LEU A 105 11.48 -7.30 8.65
C LEU A 105 10.65 -6.07 8.97
N ILE A 106 9.97 -5.54 7.97
CA ILE A 106 9.22 -4.30 8.11
C ILE A 106 7.71 -4.52 7.94
N ALA A 107 7.27 -5.76 7.73
CA ALA A 107 5.84 -6.10 7.69
C ALA A 107 5.64 -7.58 7.78
N TYR A 108 4.39 -7.97 8.07
CA TYR A 108 3.91 -9.36 8.07
C TYR A 108 3.34 -9.72 6.73
N PRO A 109 3.82 -10.79 6.11
CA PRO A 109 3.23 -11.25 4.86
C PRO A 109 1.94 -11.98 5.09
N ILE A 110 0.97 -11.80 4.21
CA ILE A 110 -0.35 -12.40 4.40
C ILE A 110 -0.66 -13.39 3.26
N ALA A 111 -0.54 -12.94 2.02
CA ALA A 111 -0.94 -13.73 0.87
C ALA A 111 -0.16 -13.32 -0.34
N VAL A 112 0.00 -14.25 -1.25
CA VAL A 112 0.77 -14.08 -2.47
C VAL A 112 -0.23 -13.92 -3.59
N GLU A 113 -0.16 -12.79 -4.28
CA GLU A 113 -1.13 -12.42 -5.31
C GLU A 113 -0.56 -12.47 -6.73
N ALA A 114 -1.33 -12.99 -7.67
CA ALA A 114 -0.87 -12.91 -9.03
C ALA A 114 -2.07 -12.87 -9.93
N LEU A 115 -1.95 -12.16 -11.04
CA LEU A 115 -3.01 -12.04 -12.00
C LEU A 115 -3.23 -13.38 -12.68
N SER A 116 -4.49 -13.65 -13.01
CA SER A 116 -4.78 -14.80 -13.83
C SER A 116 -5.81 -14.46 -14.87
N LEU A 117 -6.01 -15.38 -15.80
CA LEU A 117 -7.02 -15.21 -16.81
C LEU A 117 -8.31 -15.83 -16.26
N ILE A 118 -9.36 -15.04 -16.19
CA ILE A 118 -10.63 -15.51 -15.70
C ILE A 118 -11.54 -15.60 -16.92
N TYR A 119 -12.05 -16.81 -17.20
CA TYR A 119 -12.83 -17.04 -18.42
C TYR A 119 -14.19 -17.64 -18.17
N ASN A 120 -15.15 -17.20 -18.98
CA ASN A 120 -16.53 -17.63 -18.90
C ASN A 120 -16.62 -18.98 -19.62
N LYS A 121 -16.80 -20.06 -18.89
CA LYS A 121 -16.77 -21.39 -19.51
C LYS A 121 -17.89 -21.62 -20.53
N ASP A 122 -18.93 -20.80 -20.47
CA ASP A 122 -20.07 -21.00 -21.36
C ASP A 122 -19.91 -20.26 -22.69
N LEU A 123 -19.08 -19.22 -22.75
CA LEU A 123 -18.75 -18.52 -24.00
C LEU A 123 -17.44 -19.00 -24.56
N LEU A 124 -16.55 -19.44 -23.68
CA LEU A 124 -15.27 -20.00 -24.07
C LEU A 124 -15.04 -21.28 -23.31
N PRO A 125 -15.56 -22.40 -23.80
CA PRO A 125 -15.19 -23.69 -23.23
C PRO A 125 -13.68 -23.87 -23.31
N ASN A 126 -13.11 -23.46 -24.44
CA ASN A 126 -11.67 -23.56 -24.59
C ASN A 126 -10.97 -22.23 -24.73
N PRO A 127 -10.40 -21.75 -23.60
CA PRO A 127 -9.74 -20.46 -23.56
C PRO A 127 -8.43 -20.50 -24.35
N PRO A 128 -8.12 -19.41 -25.05
CA PRO A 128 -6.91 -19.19 -25.84
C PRO A 128 -5.61 -19.27 -25.01
N LYS A 129 -4.67 -20.05 -25.52
CA LYS A 129 -3.38 -20.26 -24.88
C LYS A 129 -2.41 -19.15 -25.22
N THR A 130 -2.74 -18.31 -26.20
CA THR A 130 -1.86 -17.24 -26.62
C THR A 130 -2.64 -15.95 -26.79
N TRP A 131 -1.92 -14.83 -26.68
CA TRP A 131 -2.49 -13.52 -26.92
C TRP A 131 -2.83 -13.31 -28.38
N GLU A 132 -2.10 -13.94 -29.28
CA GLU A 132 -2.23 -13.60 -30.70
C GLU A 132 -3.63 -13.99 -31.16
N GLU A 133 -4.10 -15.13 -30.69
CA GLU A 133 -5.41 -15.57 -31.12
C GLU A 133 -6.59 -14.81 -30.48
N ILE A 134 -6.34 -13.62 -29.94
CA ILE A 134 -7.44 -12.84 -29.34
C ILE A 134 -8.22 -11.98 -30.34
N PRO A 135 -7.54 -11.26 -31.25
CA PRO A 135 -8.29 -10.52 -32.26
C PRO A 135 -9.27 -11.40 -33.02
N ALA A 136 -8.81 -12.58 -33.46
CA ALA A 136 -9.66 -13.54 -34.21
C ALA A 136 -10.74 -14.14 -33.33
N LEU A 137 -10.59 -14.05 -32.01
CA LEU A 137 -11.61 -14.59 -31.14
C LEU A 137 -12.60 -13.51 -30.73
N ASP A 138 -12.14 -12.27 -30.68
CA ASP A 138 -13.03 -11.17 -30.45
C ASP A 138 -13.93 -11.07 -31.68
N LYS A 139 -13.32 -11.20 -32.86
CA LYS A 139 -14.06 -11.27 -34.12
C LYS A 139 -15.39 -12.01 -33.92
N GLU A 140 -15.30 -13.30 -33.57
CA GLU A 140 -16.49 -14.17 -33.53
C GLU A 140 -17.43 -13.94 -32.34
N LEU A 141 -16.89 -13.49 -31.21
CA LEU A 141 -17.74 -13.16 -30.07
C LEU A 141 -18.64 -11.93 -30.31
N LYS A 142 -18.12 -10.96 -31.04
CA LYS A 142 -18.83 -9.70 -31.31
C LYS A 142 -19.98 -9.95 -32.30
N ALA A 143 -19.80 -10.99 -33.10
CA ALA A 143 -20.82 -11.46 -34.02
C ALA A 143 -22.00 -12.02 -33.24
N LYS A 144 -21.77 -12.30 -31.95
CA LYS A 144 -22.81 -12.80 -31.07
C LYS A 144 -23.17 -11.81 -29.98
N GLY A 145 -22.73 -10.56 -30.11
CA GLY A 145 -23.09 -9.52 -29.13
C GLY A 145 -22.21 -9.45 -27.88
N LYS A 146 -21.04 -10.08 -27.94
CA LYS A 146 -20.12 -10.16 -26.80
C LYS A 146 -18.75 -9.63 -27.22
N SER A 147 -17.77 -9.76 -26.34
CA SER A 147 -16.41 -9.39 -26.66
C SER A 147 -15.49 -10.42 -26.04
N ALA A 148 -14.28 -10.57 -26.59
CA ALA A 148 -13.30 -11.50 -26.01
C ALA A 148 -12.90 -11.14 -24.58
N LEU A 149 -12.44 -9.92 -24.39
CA LEU A 149 -11.57 -9.67 -23.25
C LEU A 149 -11.68 -8.28 -22.80
N MET A 150 -11.93 -8.12 -21.51
CA MET A 150 -11.83 -6.80 -20.92
C MET A 150 -11.02 -6.87 -19.66
N PHE A 151 -10.14 -5.90 -19.49
CA PHE A 151 -9.48 -5.75 -18.21
C PHE A 151 -9.08 -4.33 -17.93
N ASN A 152 -8.60 -4.09 -16.72
CA ASN A 152 -8.44 -2.73 -16.27
C ASN A 152 -7.20 -2.15 -16.89
N LEU A 153 -7.43 -1.24 -17.84
CA LEU A 153 -6.39 -0.62 -18.65
C LEU A 153 -5.75 0.60 -17.99
N GLN A 154 -6.30 1.04 -16.87
CA GLN A 154 -5.84 2.24 -16.12
C GLN A 154 -4.68 2.01 -15.10
N GLU A 155 -4.42 0.76 -14.76
CA GLU A 155 -3.41 0.42 -13.75
C GLU A 155 -2.42 -0.49 -14.43
N PRO A 156 -1.14 -0.11 -14.45
CA PRO A 156 -0.18 -0.84 -15.26
C PRO A 156 0.08 -2.23 -14.73
N TYR A 157 -0.25 -2.45 -13.47
CA TYR A 157 -0.25 -3.80 -12.92
C TYR A 157 -0.92 -4.83 -13.84
N PHE A 158 -1.99 -4.44 -14.54
CA PHE A 158 -2.77 -5.38 -15.34
C PHE A 158 -2.21 -5.57 -16.73
N THR A 159 -1.42 -4.60 -17.19
CA THR A 159 -0.83 -4.64 -18.53
C THR A 159 0.65 -5.09 -18.47
N TRP A 160 1.23 -4.90 -17.30
CA TRP A 160 2.61 -5.29 -17.09
C TRP A 160 2.85 -6.71 -17.56
N PRO A 161 1.93 -7.63 -17.25
CA PRO A 161 2.29 -9.02 -17.57
C PRO A 161 2.65 -9.17 -19.05
N LEU A 162 1.91 -8.45 -19.90
CA LEU A 162 2.08 -8.43 -21.36
C LEU A 162 3.37 -7.76 -21.89
N ILE A 163 3.71 -6.60 -21.29
CA ILE A 163 4.94 -5.86 -21.54
C ILE A 163 6.18 -6.64 -21.12
N ALA A 164 6.09 -7.36 -20.00
CA ALA A 164 7.22 -8.14 -19.52
C ALA A 164 7.47 -9.33 -20.42
N ALA A 165 6.38 -9.89 -20.96
CA ALA A 165 6.39 -11.14 -21.74
C ALA A 165 7.58 -11.25 -22.71
N ASP A 166 7.75 -10.23 -23.55
CA ASP A 166 8.81 -10.23 -24.55
C ASP A 166 10.14 -9.60 -24.09
N GLY A 167 10.31 -9.42 -22.79
CA GLY A 167 11.60 -8.95 -22.25
C GLY A 167 11.62 -7.56 -21.63
N GLY A 168 10.44 -6.98 -21.40
CA GLY A 168 10.33 -5.82 -20.53
C GLY A 168 10.67 -6.22 -19.11
N TYR A 169 11.30 -5.31 -18.38
CA TYR A 169 11.59 -5.57 -16.97
C TYR A 169 11.63 -4.24 -16.24
N ALA A 170 11.46 -4.24 -14.92
CA ALA A 170 11.49 -2.98 -14.15
C ALA A 170 12.93 -2.52 -13.94
N PHE A 171 13.65 -3.15 -13.02
CA PHE A 171 15.06 -2.83 -12.82
C PHE A 171 15.78 -4.14 -12.92
N LYS A 172 16.90 -4.17 -13.65
CA LYS A 172 17.59 -5.45 -13.87
C LYS A 172 18.02 -6.07 -12.53
N TYR A 173 17.71 -7.36 -12.36
CA TYR A 173 18.00 -8.12 -11.13
C TYR A 173 19.08 -9.17 -11.30
N GLU A 174 20.20 -8.97 -10.61
CA GLU A 174 21.35 -9.87 -10.74
C GLU A 174 22.12 -9.87 -9.43
N ASN A 175 22.63 -11.03 -9.02
CA ASN A 175 23.44 -11.14 -7.79
C ASN A 175 22.59 -10.86 -6.56
N GLY A 176 21.27 -10.98 -6.72
CA GLY A 176 20.33 -10.64 -5.65
C GLY A 176 20.18 -9.16 -5.38
N LYS A 177 20.44 -8.34 -6.41
CA LYS A 177 20.30 -6.89 -6.27
C LYS A 177 19.87 -6.24 -7.57
N TYR A 178 19.13 -5.14 -7.39
CA TYR A 178 18.55 -4.43 -8.51
C TYR A 178 19.41 -3.24 -8.77
N ASP A 179 19.69 -2.98 -10.05
CA ASP A 179 20.38 -1.78 -10.46
C ASP A 179 19.34 -0.79 -10.95
N ILE A 180 19.19 0.28 -10.20
CA ILE A 180 18.12 1.22 -10.50
C ILE A 180 18.40 2.13 -11.69
N LYS A 181 19.52 1.88 -12.39
CA LYS A 181 19.83 2.59 -13.62
C LYS A 181 19.67 1.67 -14.83
N ASP A 182 19.26 0.44 -14.58
CA ASP A 182 19.05 -0.52 -15.64
C ASP A 182 17.57 -0.94 -15.72
N VAL A 183 16.85 -0.19 -16.55
CA VAL A 183 15.39 -0.18 -16.63
C VAL A 183 15.02 -0.72 -18.00
N GLY A 184 14.04 -1.62 -18.05
CA GLY A 184 13.73 -2.32 -19.29
C GLY A 184 12.35 -2.00 -19.82
N VAL A 185 12.10 -0.71 -19.92
CA VAL A 185 10.78 -0.20 -20.18
C VAL A 185 10.62 0.24 -21.64
N ASP A 186 11.73 0.59 -22.31
CA ASP A 186 11.69 0.89 -23.75
C ASP A 186 12.62 0.02 -24.56
N ASN A 187 12.85 -1.20 -24.09
CA ASN A 187 13.48 -2.19 -24.94
C ASN A 187 12.47 -2.73 -25.99
N ALA A 188 13.00 -3.44 -26.99
CA ALA A 188 12.18 -4.05 -28.05
C ALA A 188 10.98 -4.82 -27.50
N GLY A 189 11.22 -5.65 -26.48
CA GLY A 189 10.18 -6.50 -25.83
C GLY A 189 9.04 -5.67 -25.23
N ALA A 190 9.39 -4.62 -24.49
CA ALA A 190 8.36 -3.79 -23.88
C ALA A 190 7.57 -3.06 -24.96
N LYS A 191 8.24 -2.72 -26.06
CA LYS A 191 7.61 -2.04 -27.18
C LYS A 191 6.63 -2.99 -27.85
N ALA A 192 7.07 -4.23 -28.10
CA ALA A 192 6.20 -5.20 -28.75
C ALA A 192 4.96 -5.40 -27.87
N GLY A 193 5.19 -5.62 -26.58
CA GLY A 193 4.10 -5.79 -25.63
C GLY A 193 3.10 -4.66 -25.65
N LEU A 194 3.56 -3.44 -25.43
CA LEU A 194 2.64 -2.32 -25.39
C LEU A 194 2.01 -2.00 -26.74
N THR A 195 2.76 -2.08 -27.84
CA THR A 195 2.17 -1.84 -29.15
C THR A 195 0.99 -2.81 -29.38
N PHE A 196 1.18 -4.09 -29.08
CA PHE A 196 0.13 -5.10 -29.26
C PHE A 196 -1.17 -4.79 -28.48
N LEU A 197 -1.02 -4.21 -27.30
CA LEU A 197 -2.18 -3.72 -26.58
C LEU A 197 -2.82 -2.55 -27.33
N VAL A 198 -1.98 -1.66 -27.86
CA VAL A 198 -2.47 -0.48 -28.54
C VAL A 198 -3.25 -0.88 -29.82
N ASP A 199 -2.75 -1.90 -30.53
CA ASP A 199 -3.44 -2.55 -31.67
C ASP A 199 -4.81 -3.14 -31.36
N LEU A 200 -4.93 -3.82 -30.20
CA LEU A 200 -6.22 -4.29 -29.70
C LEU A 200 -7.20 -3.14 -29.61
N ILE A 201 -6.70 -1.99 -29.22
CA ILE A 201 -7.59 -0.86 -29.04
C ILE A 201 -7.92 -0.18 -30.37
N LYS A 202 -6.91 -0.02 -31.20
CA LYS A 202 -7.10 0.60 -32.50
C LYS A 202 -8.03 -0.25 -33.35
N ASN A 203 -7.88 -1.57 -33.27
CA ASN A 203 -8.74 -2.49 -34.01
C ASN A 203 -10.05 -2.83 -33.29
N LYS A 204 -10.45 -1.93 -32.38
CA LYS A 204 -11.71 -1.99 -31.63
C LYS A 204 -12.02 -3.32 -30.89
N HIS A 205 -10.96 -4.05 -30.53
CA HIS A 205 -11.07 -5.22 -29.68
C HIS A 205 -11.09 -4.88 -28.20
N MET A 206 -10.64 -3.68 -27.86
CA MET A 206 -10.72 -3.19 -26.49
C MET A 206 -10.85 -1.69 -26.51
N ASN A 207 -11.14 -1.12 -25.36
CA ASN A 207 -11.60 0.24 -25.25
C ASN A 207 -10.64 0.96 -24.30
N ALA A 208 -9.87 1.91 -24.83
CA ALA A 208 -8.91 2.70 -24.02
C ALA A 208 -9.35 3.11 -22.61
N ASP A 209 -10.63 3.41 -22.41
CA ASP A 209 -11.14 3.94 -21.13
C ASP A 209 -11.51 2.84 -20.13
N THR A 210 -11.48 1.58 -20.55
CA THR A 210 -11.94 0.47 -19.71
C THR A 210 -11.18 0.47 -18.39
N ASP A 211 -11.92 0.48 -17.29
CA ASP A 211 -11.28 0.51 -16.00
C ASP A 211 -11.66 -0.69 -15.15
N TYR A 212 -11.43 -0.62 -13.84
CA TYR A 212 -11.60 -1.80 -12.99
C TYR A 212 -13.05 -2.22 -12.91
N SER A 213 -13.94 -1.30 -12.52
CA SER A 213 -15.36 -1.65 -12.36
C SER A 213 -16.02 -1.95 -13.70
N ILE A 214 -15.62 -1.25 -14.76
CA ILE A 214 -16.14 -1.52 -16.10
C ILE A 214 -15.83 -2.96 -16.55
N ALA A 215 -14.56 -3.37 -16.44
CA ALA A 215 -14.18 -4.78 -16.70
C ALA A 215 -14.93 -5.80 -15.82
N GLU A 216 -15.04 -5.52 -14.52
CA GLU A 216 -15.73 -6.44 -13.61
C GLU A 216 -17.23 -6.57 -13.97
N ALA A 217 -17.83 -5.44 -14.30
CA ALA A 217 -19.25 -5.41 -14.70
C ALA A 217 -19.44 -6.28 -15.94
N ALA A 218 -18.67 -5.98 -16.96
CA ALA A 218 -18.82 -6.66 -18.22
C ALA A 218 -18.66 -8.16 -18.05
N PHE A 219 -17.63 -8.57 -17.32
CA PHE A 219 -17.38 -10.01 -17.20
C PHE A 219 -18.46 -10.63 -16.34
N ASN A 220 -18.84 -9.98 -15.25
CA ASN A 220 -19.84 -10.59 -14.36
C ASN A 220 -21.28 -10.53 -14.90
N LYS A 221 -21.54 -9.67 -15.89
CA LYS A 221 -22.82 -9.74 -16.59
C LYS A 221 -22.73 -10.56 -17.85
N GLY A 222 -21.59 -11.21 -18.05
CA GLY A 222 -21.46 -12.22 -19.09
C GLY A 222 -21.48 -11.65 -20.49
N GLU A 223 -20.98 -10.44 -20.62
CA GLU A 223 -20.89 -9.78 -21.91
C GLU A 223 -19.51 -9.95 -22.46
N THR A 224 -18.55 -10.34 -21.61
CA THR A 224 -17.19 -10.58 -22.08
C THR A 224 -16.74 -11.98 -21.71
N ALA A 225 -16.04 -12.66 -22.62
CA ALA A 225 -15.62 -14.04 -22.37
C ALA A 225 -14.48 -14.16 -21.37
N MET A 226 -13.62 -13.15 -21.34
CA MET A 226 -12.46 -13.19 -20.45
C MET A 226 -12.23 -11.88 -19.73
N THR A 227 -11.58 -11.98 -18.57
CA THR A 227 -11.00 -10.82 -17.92
C THR A 227 -9.67 -11.23 -17.29
N ILE A 228 -8.92 -10.24 -16.81
CA ILE A 228 -7.68 -10.46 -16.09
C ILE A 228 -7.78 -9.85 -14.70
N ASN A 229 -7.46 -10.66 -13.69
CA ASN A 229 -7.65 -10.22 -12.34
C ASN A 229 -7.06 -11.19 -11.35
N GLY A 230 -7.14 -10.80 -10.09
CA GLY A 230 -6.50 -11.55 -9.01
C GLY A 230 -7.52 -12.23 -8.13
N PRO A 231 -7.07 -12.99 -7.13
CA PRO A 231 -7.98 -13.82 -6.38
C PRO A 231 -9.12 -13.07 -5.70
N TRP A 232 -8.95 -11.78 -5.48
CA TRP A 232 -9.92 -11.00 -4.69
C TRP A 232 -11.26 -10.79 -5.45
N ALA A 233 -11.21 -10.93 -6.76
CA ALA A 233 -12.34 -10.76 -7.62
C ALA A 233 -13.20 -12.01 -7.68
N TRP A 234 -12.64 -13.17 -7.33
CA TRP A 234 -13.35 -14.43 -7.57
C TRP A 234 -14.73 -14.44 -6.92
N SER A 235 -14.74 -13.98 -5.68
CA SER A 235 -15.92 -13.94 -4.86
C SER A 235 -17.19 -13.44 -5.57
N ASN A 236 -17.09 -12.33 -6.30
CA ASN A 236 -18.25 -11.77 -7.07
C ASN A 236 -18.67 -12.62 -8.29
N ILE A 237 -17.73 -13.39 -8.82
CA ILE A 237 -18.02 -14.22 -9.96
C ILE A 237 -18.74 -15.54 -9.62
N ASP A 238 -18.64 -16.05 -8.38
CA ASP A 238 -19.45 -17.25 -8.04
C ASP A 238 -20.92 -16.87 -8.06
N THR A 239 -21.25 -15.89 -7.22
CA THR A 239 -22.62 -15.41 -7.04
C THR A 239 -23.06 -14.74 -8.33
N SER A 240 -22.08 -14.45 -9.17
CA SER A 240 -22.37 -14.10 -10.52
C SER A 240 -23.00 -15.29 -11.20
N LYS A 241 -23.92 -14.99 -12.11
CA LYS A 241 -24.55 -16.00 -12.93
C LYS A 241 -23.53 -16.67 -13.86
N VAL A 242 -22.25 -16.43 -13.61
CA VAL A 242 -21.23 -16.92 -14.50
C VAL A 242 -20.56 -18.20 -14.00
N ASN A 243 -20.46 -19.13 -14.93
CA ASN A 243 -19.79 -20.38 -14.75
C ASN A 243 -18.36 -20.14 -15.29
N TYR A 244 -17.45 -19.82 -14.37
CA TYR A 244 -16.13 -19.35 -14.74
C TYR A 244 -14.99 -20.28 -14.41
N GLY A 245 -13.91 -20.13 -15.17
CA GLY A 245 -12.67 -20.77 -14.85
C GLY A 245 -11.57 -19.77 -14.63
N VAL A 246 -10.50 -20.24 -14.01
CA VAL A 246 -9.33 -19.41 -13.73
C VAL A 246 -8.12 -20.18 -14.23
N THR A 247 -7.37 -19.59 -15.14
CA THR A 247 -6.34 -20.35 -15.83
C THR A 247 -5.04 -19.55 -16.03
N VAL A 248 -4.03 -20.18 -16.64
CA VAL A 248 -2.78 -19.50 -16.98
C VAL A 248 -2.98 -18.35 -17.99
N LEU A 249 -2.26 -17.25 -17.78
CA LEU A 249 -2.28 -16.13 -18.70
C LEU A 249 -1.78 -16.60 -20.04
N PRO A 250 -2.27 -16.02 -21.13
CA PRO A 250 -1.81 -16.38 -22.46
C PRO A 250 -0.36 -15.96 -22.70
N THR A 251 0.28 -16.62 -23.67
CA THR A 251 1.67 -16.37 -24.06
C THR A 251 1.70 -15.29 -25.13
N PHE A 252 2.81 -14.53 -25.22
CA PHE A 252 2.99 -13.48 -26.22
C PHE A 252 4.35 -13.58 -26.89
N LYS A 253 4.31 -13.62 -28.21
CA LYS A 253 5.46 -13.96 -29.04
C LYS A 253 6.10 -15.20 -28.46
N GLY A 254 5.28 -16.22 -28.22
CA GLY A 254 5.72 -17.51 -27.72
C GLY A 254 6.20 -17.61 -26.28
N GLN A 255 6.24 -16.49 -25.56
CA GLN A 255 6.76 -16.48 -24.18
C GLN A 255 5.63 -16.23 -23.19
N PRO A 256 5.75 -16.80 -21.98
CA PRO A 256 4.64 -16.61 -21.08
C PRO A 256 4.51 -15.17 -20.55
N SER A 257 3.28 -14.80 -20.18
CA SER A 257 3.00 -13.51 -19.56
C SER A 257 3.60 -13.50 -18.16
N LYS A 258 4.26 -12.39 -17.82
CA LYS A 258 5.03 -12.31 -16.60
C LYS A 258 4.43 -11.32 -15.64
N PRO A 259 3.39 -11.78 -14.90
CA PRO A 259 2.76 -10.87 -13.97
C PRO A 259 3.73 -10.52 -12.86
N PHE A 260 3.66 -9.28 -12.40
CA PHE A 260 4.35 -8.90 -11.20
C PHE A 260 3.66 -9.53 -10.00
N VAL A 261 4.40 -10.30 -9.19
CA VAL A 261 3.82 -10.96 -8.03
C VAL A 261 3.92 -10.08 -6.77
N GLY A 262 2.81 -9.94 -6.06
CA GLY A 262 2.75 -9.09 -4.86
C GLY A 262 2.38 -9.91 -3.66
N VAL A 263 3.10 -9.74 -2.55
CA VAL A 263 2.77 -10.34 -1.28
C VAL A 263 2.02 -9.28 -0.46
N LEU A 264 0.71 -9.50 -0.27
CA LEU A 264 -0.11 -8.60 0.50
C LEU A 264 0.44 -8.61 1.90
N SER A 265 0.59 -7.44 2.51
CA SER A 265 1.33 -7.35 3.75
C SER A 265 0.77 -6.29 4.67
N ALA A 266 1.08 -6.49 5.94
CA ALA A 266 0.55 -5.66 6.96
C ALA A 266 1.74 -5.12 7.70
N GLY A 267 1.85 -3.79 7.68
CA GLY A 267 2.92 -3.09 8.34
C GLY A 267 2.36 -2.30 9.50
N ILE A 268 3.20 -2.06 10.49
CA ILE A 268 2.81 -1.23 11.65
C ILE A 268 3.39 0.20 11.60
N ASN A 269 2.51 1.18 11.66
CA ASN A 269 2.89 2.58 11.63
C ASN A 269 3.92 2.83 12.70
N ALA A 270 5.06 3.42 12.35
CA ALA A 270 6.06 3.83 13.38
C ALA A 270 5.48 4.77 14.42
N ALA A 271 4.49 5.59 14.06
CA ALA A 271 3.87 6.54 15.01
C ALA A 271 2.78 5.95 15.94
N SER A 272 2.47 4.66 15.78
CA SER A 272 1.41 4.02 16.52
C SER A 272 1.77 3.83 17.97
N PRO A 273 0.92 4.36 18.88
CA PRO A 273 1.13 4.04 20.29
C PRO A 273 0.57 2.66 20.63
N ASN A 274 0.15 1.93 19.59
CA ASN A 274 -0.48 0.60 19.75
C ASN A 274 0.27 -0.54 19.05
N LYS A 275 1.59 -0.55 19.15
CA LYS A 275 2.39 -1.57 18.46
C LYS A 275 2.24 -2.96 19.06
N GLU A 276 2.22 -3.06 20.39
CA GLU A 276 2.02 -4.34 21.05
C GLU A 276 0.63 -4.93 20.72
N LEU A 277 -0.38 -4.08 20.62
CA LEU A 277 -1.69 -4.53 20.19
C LEU A 277 -1.68 -5.01 18.75
N ALA A 278 -1.00 -4.28 17.86
CA ALA A 278 -0.97 -4.57 16.45
C ALA A 278 -0.27 -5.89 16.29
N LYS A 279 0.82 -6.06 17.01
CA LYS A 279 1.51 -7.33 17.01
C LYS A 279 0.61 -8.51 17.42
N GLU A 280 -0.06 -8.42 18.56
CA GLU A 280 -0.95 -9.51 18.97
C GLU A 280 -2.05 -9.74 17.93
N PHE A 281 -2.66 -8.67 17.43
CA PHE A 281 -3.69 -8.82 16.42
C PHE A 281 -3.20 -9.64 15.24
N LEU A 282 -2.04 -9.28 14.71
CA LEU A 282 -1.62 -9.82 13.45
C LEU A 282 -1.11 -11.22 13.61
N GLU A 283 -0.33 -11.44 14.68
CA GLU A 283 0.24 -12.75 14.91
C GLU A 283 -0.72 -13.76 15.50
N ASN A 284 -1.58 -13.33 16.40
CA ASN A 284 -2.43 -14.29 17.11
C ASN A 284 -3.86 -14.35 16.63
N TYR A 285 -4.28 -13.39 15.82
CA TYR A 285 -5.66 -13.35 15.37
C TYR A 285 -5.78 -13.44 13.87
N LEU A 286 -5.14 -12.54 13.12
CA LEU A 286 -5.19 -12.61 11.65
C LEU A 286 -4.47 -13.84 11.13
N LEU A 287 -3.18 -13.93 11.44
CA LEU A 287 -2.36 -15.02 10.87
C LEU A 287 -2.54 -16.36 11.60
N THR A 288 -3.77 -16.82 11.65
CA THR A 288 -4.13 -18.17 12.05
C THR A 288 -5.12 -18.75 11.00
N ASP A 289 -5.35 -20.05 11.05
CA ASP A 289 -6.30 -20.70 10.13
C ASP A 289 -7.63 -19.93 10.11
N GLU A 290 -8.10 -19.50 11.27
CA GLU A 290 -9.43 -18.93 11.44
C GLU A 290 -9.49 -17.45 11.06
N GLY A 291 -8.44 -16.69 11.37
CA GLY A 291 -8.33 -15.32 10.93
C GLY A 291 -8.31 -15.26 9.42
N LEU A 292 -7.48 -16.08 8.80
CA LEU A 292 -7.39 -16.04 7.36
C LEU A 292 -8.67 -16.57 6.70
N GLU A 293 -9.29 -17.56 7.31
CA GLU A 293 -10.57 -18.06 6.85
C GLU A 293 -11.60 -16.92 6.86
N ALA A 294 -11.70 -16.20 7.97
CA ALA A 294 -12.64 -15.08 8.05
C ALA A 294 -12.44 -14.06 6.93
N VAL A 295 -11.19 -13.73 6.61
CA VAL A 295 -10.94 -12.78 5.54
C VAL A 295 -11.28 -13.47 4.22
N ASN A 296 -10.85 -14.72 4.07
CA ASN A 296 -10.98 -15.45 2.81
C ASN A 296 -12.46 -15.62 2.44
N LYS A 297 -13.32 -15.72 3.44
CA LYS A 297 -14.78 -15.85 3.23
C LYS A 297 -15.41 -14.64 2.55
N ASP A 298 -14.86 -13.46 2.89
CA ASP A 298 -15.27 -12.16 2.35
C ASP A 298 -14.76 -11.97 0.91
N LYS A 299 -13.44 -11.89 0.78
CA LYS A 299 -12.79 -11.81 -0.51
C LYS A 299 -11.55 -12.69 -0.47
N PRO A 300 -11.45 -13.67 -1.36
CA PRO A 300 -10.38 -14.65 -1.26
C PRO A 300 -9.01 -14.00 -1.33
N LEU A 301 -8.05 -14.56 -0.59
CA LEU A 301 -6.71 -13.97 -0.51
C LEU A 301 -5.75 -14.53 -1.55
N GLY A 302 -6.06 -15.69 -2.10
CA GLY A 302 -5.10 -16.35 -3.00
C GLY A 302 -4.26 -17.33 -2.22
N ALA A 303 -3.02 -17.53 -2.65
CA ALA A 303 -2.11 -18.40 -1.94
C ALA A 303 -1.58 -17.73 -0.66
N VAL A 304 -2.12 -18.10 0.48
CA VAL A 304 -1.79 -17.42 1.70
C VAL A 304 -0.35 -17.75 2.13
N ALA A 305 0.14 -17.03 3.11
CA ALA A 305 1.53 -17.14 3.51
C ALA A 305 1.69 -18.10 4.71
N LEU A 306 0.63 -18.29 5.49
CA LEU A 306 0.65 -19.24 6.57
C LEU A 306 0.55 -20.63 5.96
N LYS A 307 1.56 -21.48 6.21
CA LYS A 307 1.65 -22.82 5.61
C LYS A 307 0.46 -23.69 5.95
N SER A 308 0.14 -23.80 7.23
CA SER A 308 -0.99 -24.64 7.68
C SER A 308 -2.31 -24.35 6.98
N TYR A 309 -2.48 -23.13 6.49
CA TYR A 309 -3.73 -22.79 5.85
C TYR A 309 -3.59 -22.92 4.36
N GLU A 310 -2.43 -22.59 3.82
CA GLU A 310 -2.21 -22.81 2.40
C GLU A 310 -2.30 -24.32 2.07
N GLU A 311 -1.95 -25.19 3.02
CA GLU A 311 -2.06 -26.64 2.80
C GLU A 311 -3.50 -27.09 2.48
N GLU A 312 -4.47 -26.54 3.22
CA GLU A 312 -5.88 -26.77 2.90
C GLU A 312 -6.32 -26.13 1.60
N LEU A 313 -5.84 -24.94 1.28
CA LEU A 313 -6.36 -24.26 0.09
C LEU A 313 -5.79 -24.80 -1.20
N ALA A 314 -4.68 -25.52 -1.09
CA ALA A 314 -3.93 -25.92 -2.27
C ALA A 314 -4.70 -26.85 -3.21
N LYS A 315 -5.77 -27.51 -2.73
CA LYS A 315 -6.59 -28.38 -3.61
C LYS A 315 -7.67 -27.59 -4.37
N ASP A 316 -7.31 -26.45 -4.91
CA ASP A 316 -8.28 -25.66 -5.66
C ASP A 316 -7.57 -25.25 -6.93
N PRO A 317 -8.13 -25.64 -8.10
CA PRO A 317 -7.57 -25.25 -9.40
C PRO A 317 -7.24 -23.74 -9.46
N ARG A 318 -8.10 -22.90 -8.87
CA ARG A 318 -7.90 -21.46 -8.92
C ARG A 318 -6.60 -21.05 -8.23
N ILE A 319 -6.31 -21.63 -7.05
CA ILE A 319 -5.03 -21.35 -6.36
C ILE A 319 -3.86 -21.87 -7.18
N ALA A 320 -3.96 -23.12 -7.65
CA ALA A 320 -2.96 -23.68 -8.57
C ALA A 320 -2.60 -22.75 -9.73
N ALA A 321 -3.63 -22.16 -10.35
CA ALA A 321 -3.43 -21.25 -11.48
C ALA A 321 -2.70 -19.96 -11.06
N THR A 322 -3.17 -19.40 -9.94
CA THR A 322 -2.52 -18.27 -9.31
C THR A 322 -1.06 -18.54 -9.13
N MET A 323 -0.73 -19.71 -8.58
CA MET A 323 0.69 -20.09 -8.40
C MET A 323 1.41 -20.30 -9.71
N GLU A 324 0.76 -20.95 -10.67
CA GLU A 324 1.42 -21.20 -11.92
C GLU A 324 1.77 -19.85 -12.51
N ASN A 325 0.81 -18.94 -12.52
CA ASN A 325 1.05 -17.59 -13.01
C ASN A 325 2.14 -16.88 -12.18
N ALA A 326 2.17 -17.13 -10.87
CA ALA A 326 3.21 -16.56 -10.01
C ALA A 326 4.58 -17.04 -10.47
N GLN A 327 4.69 -18.35 -10.68
CA GLN A 327 5.97 -18.94 -11.07
C GLN A 327 6.51 -18.33 -12.37
N LYS A 328 5.65 -18.08 -13.37
CA LYS A 328 6.14 -17.53 -14.64
C LYS A 328 6.46 -16.06 -14.50
N GLY A 329 5.83 -15.42 -13.53
CA GLY A 329 6.08 -14.01 -13.27
C GLY A 329 7.21 -13.88 -12.30
N GLU A 330 7.44 -12.66 -11.85
CA GLU A 330 8.50 -12.37 -10.92
C GLU A 330 7.95 -11.54 -9.74
N ILE A 331 8.54 -11.76 -8.57
CA ILE A 331 8.15 -11.03 -7.42
C ILE A 331 8.58 -9.60 -7.60
N MET A 332 7.73 -8.64 -7.22
CA MET A 332 8.10 -7.23 -7.28
C MET A 332 9.27 -6.97 -6.34
N PRO A 333 10.23 -6.14 -6.76
CA PRO A 333 11.14 -5.58 -5.76
C PRO A 333 10.34 -4.78 -4.73
N ASN A 334 10.93 -4.58 -3.54
CA ASN A 334 10.35 -3.66 -2.59
C ASN A 334 11.13 -2.37 -2.45
N ILE A 335 11.97 -2.04 -3.43
CA ILE A 335 12.88 -0.92 -3.26
C ILE A 335 12.16 0.42 -3.51
N PRO A 336 12.61 1.48 -2.82
CA PRO A 336 11.95 2.78 -2.88
C PRO A 336 11.69 3.25 -4.30
N GLN A 337 12.62 2.98 -5.20
CA GLN A 337 12.48 3.39 -6.60
C GLN A 337 11.21 2.82 -7.31
N MET A 338 10.58 1.79 -6.75
CA MET A 338 9.32 1.25 -7.31
C MET A 338 8.19 2.27 -7.50
N SER A 339 8.12 3.29 -6.67
CA SER A 339 7.00 4.21 -6.77
C SER A 339 7.22 5.10 -8.01
N ALA A 340 8.48 5.34 -8.36
CA ALA A 340 8.80 6.07 -9.56
C ALA A 340 8.60 5.18 -10.79
N PHE A 341 8.97 3.91 -10.69
CA PHE A 341 8.72 3.01 -11.80
C PHE A 341 7.23 2.95 -12.12
N TRP A 342 6.39 2.72 -11.12
CA TRP A 342 4.93 2.61 -11.34
C TRP A 342 4.29 3.87 -11.91
N TYR A 343 4.66 5.01 -11.34
CA TYR A 343 4.20 6.29 -11.86
C TYR A 343 4.51 6.40 -13.36
N ALA A 344 5.71 5.96 -13.73
CA ALA A 344 6.22 6.16 -15.09
C ALA A 344 5.46 5.30 -16.03
N VAL A 345 5.30 4.04 -15.65
CA VAL A 345 4.56 3.12 -16.49
C VAL A 345 3.06 3.44 -16.54
N ARG A 346 2.48 4.02 -15.50
CA ARG A 346 1.08 4.36 -15.55
C ARG A 346 0.81 5.49 -16.59
N THR A 347 1.72 6.46 -16.66
CA THR A 347 1.65 7.55 -17.64
C THR A 347 1.84 6.98 -19.04
N ALA A 348 2.91 6.20 -19.21
CA ALA A 348 3.22 5.60 -20.49
C ALA A 348 2.00 4.86 -21.08
N VAL A 349 1.41 3.97 -20.29
CA VAL A 349 0.30 3.12 -20.76
C VAL A 349 -0.97 3.93 -21.07
N ILE A 350 -1.39 4.81 -20.17
CA ILE A 350 -2.58 5.62 -20.38
C ILE A 350 -2.40 6.45 -21.64
N ASN A 351 -1.21 7.03 -21.79
CA ASN A 351 -0.90 7.89 -22.94
C ASN A 351 -0.91 7.14 -24.27
N ALA A 352 -0.33 5.94 -24.29
CA ALA A 352 -0.26 5.19 -25.53
C ALA A 352 -1.61 4.60 -25.86
N ALA A 353 -2.44 4.38 -24.85
CA ALA A 353 -3.72 3.72 -25.05
C ALA A 353 -4.68 4.72 -25.60
N SER A 354 -4.65 5.93 -25.07
CA SER A 354 -5.63 6.94 -25.47
C SER A 354 -5.22 7.69 -26.72
N GLY A 355 -4.17 7.23 -27.39
CA GLY A 355 -3.64 7.92 -28.56
C GLY A 355 -2.78 9.17 -28.31
N ARG A 356 -2.86 9.76 -27.12
CA ARG A 356 -2.04 10.94 -26.77
C ARG A 356 -0.53 10.88 -27.03
N GLN A 357 0.08 9.71 -27.05
CA GLN A 357 1.46 9.55 -27.57
C GLN A 357 1.56 8.26 -28.32
N THR A 358 2.62 8.13 -29.13
CA THR A 358 2.93 6.87 -29.76
C THR A 358 3.51 5.98 -28.67
N VAL A 359 3.38 4.68 -28.84
CA VAL A 359 4.15 3.77 -28.03
C VAL A 359 5.55 4.21 -28.24
N ASP A 360 6.45 3.90 -27.30
CA ASP A 360 7.87 4.18 -27.57
C ASP A 360 8.16 5.64 -27.61
N GLU A 361 7.14 6.48 -27.56
CA GLU A 361 7.30 7.91 -27.46
C GLU A 361 6.81 8.15 -26.05
N ALA A 362 5.99 7.19 -25.60
CA ALA A 362 5.56 7.07 -24.22
C ALA A 362 6.55 6.29 -23.36
N LEU A 363 7.06 5.18 -23.89
CA LEU A 363 8.01 4.42 -23.11
C LEU A 363 9.44 4.95 -23.16
N LYS A 364 9.75 5.85 -24.09
CA LYS A 364 11.02 6.58 -24.07
C LYS A 364 11.01 7.47 -22.83
N ASP A 365 9.90 8.13 -22.56
CA ASP A 365 9.76 8.97 -21.37
C ASP A 365 9.70 8.18 -20.05
N ALA A 366 9.00 7.04 -20.04
CA ALA A 366 8.90 6.21 -18.83
C ALA A 366 10.26 5.61 -18.48
N GLN A 367 11.04 5.33 -19.50
CA GLN A 367 12.41 4.89 -19.30
C GLN A 367 13.25 5.78 -18.43
N THR A 368 13.25 7.07 -18.68
CA THR A 368 14.10 7.94 -17.85
C THR A 368 13.33 8.37 -16.59
N ASN A 369 12.04 8.65 -16.73
CA ASN A 369 11.17 8.81 -15.57
C ASN A 369 11.27 7.68 -14.54
N ALA A 370 11.39 6.44 -14.98
CA ALA A 370 11.47 5.33 -14.02
C ALA A 370 12.78 5.29 -13.23
N ALA A 371 13.85 5.89 -13.72
CA ALA A 371 15.12 5.88 -12.97
C ALA A 371 15.37 7.21 -12.29
N ALA A 372 14.44 8.15 -12.39
CA ALA A 372 14.64 9.48 -11.82
C ALA A 372 14.56 9.45 -10.32
N GLU A 373 15.26 10.38 -9.71
CA GLU A 373 15.11 10.67 -8.30
C GLU A 373 13.73 11.26 -8.04
N PHE A 374 13.17 10.94 -6.89
CA PHE A 374 11.81 11.32 -6.56
C PHE A 374 11.83 12.03 -5.21
N ILE A 375 10.82 12.83 -4.93
CA ILE A 375 10.72 13.44 -3.64
C ILE A 375 10.33 12.35 -2.66
N MET A 376 10.98 12.33 -1.48
CA MET A 376 10.60 11.37 -0.44
C MET A 376 9.73 11.99 0.63
N ASP A 377 9.06 11.06 1.29
CA ASP A 377 8.19 11.29 2.40
C ASP A 377 9.16 11.86 3.46
N SER A 378 8.79 13.01 4.05
CA SER A 378 9.59 13.61 5.12
C SER A 378 9.61 12.66 6.32
N ASP A 379 10.60 12.77 7.18
CA ASP A 379 10.69 11.76 8.20
C ASP A 379 10.02 12.26 9.47
N PRO A 380 9.09 11.46 10.00
CA PRO A 380 8.16 11.81 11.09
C PRO A 380 8.85 12.10 12.42
N ARG A 381 10.07 11.62 12.58
CA ARG A 381 10.87 11.96 13.76
C ARG A 381 11.29 13.46 13.84
N ARG A 382 11.29 14.20 12.74
CA ARG A 382 11.71 15.62 12.73
C ARG A 382 10.82 16.51 13.60
N CYS A 383 11.35 17.66 14.00
CA CYS A 383 10.58 18.60 14.79
C CYS A 383 9.38 19.05 13.99
N MET A 384 8.19 18.92 14.53
CA MET A 384 7.04 19.42 13.79
C MET A 384 5.85 19.61 14.70
N ARG A 385 4.79 20.14 14.10
CA ARG A 385 3.58 20.53 14.77
C ARG A 385 2.55 19.42 14.69
N HIS A 386 1.84 19.20 15.80
CA HIS A 386 0.80 18.18 15.84
C HIS A 386 -0.49 18.81 16.27
N HIS A 387 -1.59 18.36 15.67
CA HIS A 387 -2.91 18.87 16.00
C HIS A 387 -3.59 17.88 16.88
N TYR A 388 -4.22 18.37 17.92
CA TYR A 388 -4.96 17.51 18.81
C TYR A 388 -6.13 18.29 19.36
N VAL A 389 -7.09 17.57 19.92
CA VAL A 389 -8.24 18.17 20.51
C VAL A 389 -8.21 17.83 21.98
N ASP A 390 -8.45 18.85 22.80
CA ASP A 390 -8.47 18.69 24.24
C ASP A 390 -9.61 19.55 24.79
N SER A 391 -10.14 19.13 25.93
CA SER A 391 -11.16 19.91 26.59
C SER A 391 -10.51 20.72 27.70
N ILE A 392 -10.76 22.02 27.67
CA ILE A 392 -10.20 22.94 28.62
C ILE A 392 -11.16 23.10 29.78
N SER A 393 -10.64 22.91 30.97
CA SER A 393 -11.40 22.96 32.23
C SER A 393 -10.77 23.94 33.21
N HIS A 394 -11.51 24.36 34.23
CA HIS A 394 -10.86 25.04 35.36
C HIS A 394 -10.32 23.95 36.29
N PRO A 395 -9.13 24.18 36.89
CA PRO A 395 -8.55 23.15 37.77
C PRO A 395 -9.34 22.92 39.07
N LEU A 396 -10.08 23.93 39.50
CA LEU A 396 -10.75 23.87 40.78
C LEU A 396 -12.26 24.03 40.66
N TYR A 397 -12.72 25.15 40.09
CA TYR A 397 -14.13 25.47 40.07
C TYR A 397 -14.87 24.63 39.04
N LYS A 398 -16.07 24.20 39.40
CA LYS A 398 -16.89 23.38 38.51
C LYS A 398 -17.42 24.27 37.37
N CYS A 399 -17.04 23.96 36.13
CA CYS A 399 -17.40 24.76 34.95
C CYS A 399 -17.68 23.89 33.73
N SER A 400 -18.34 24.47 32.73
CA SER A 400 -18.50 23.79 31.45
C SER A 400 -17.12 23.69 30.80
N SER A 401 -16.84 22.54 30.18
CA SER A 401 -15.56 22.31 29.57
C SER A 401 -15.78 22.32 28.08
N LYS A 402 -14.85 22.90 27.35
CA LYS A 402 -15.09 23.05 25.95
C LYS A 402 -14.11 22.15 25.25
N MET A 403 -14.48 21.59 24.10
CA MET A 403 -13.53 20.85 23.27
C MET A 403 -12.89 21.85 22.33
N VAL A 404 -11.55 21.88 22.33
CA VAL A 404 -10.81 22.87 21.54
C VAL A 404 -9.63 22.27 20.80
N LEU A 405 -9.41 22.73 19.56
CA LEU A 405 -8.25 22.27 18.76
C LEU A 405 -7.02 22.97 19.24
N LEU A 406 -5.98 22.20 19.53
CA LEU A 406 -4.74 22.75 20.00
C LEU A 406 -3.63 22.18 19.16
N ALA A 407 -2.46 22.79 19.26
CA ALA A 407 -1.28 22.32 18.56
C ALA A 407 -0.12 22.23 19.53
N ARG A 408 0.76 21.28 19.27
CA ARG A 408 1.94 21.06 20.11
C ARG A 408 3.15 20.87 19.21
N CYS A 409 4.33 20.95 19.79
CA CYS A 409 5.55 20.71 19.04
C CYS A 409 6.12 19.43 19.52
N GLU A 410 6.59 18.60 18.59
CA GLU A 410 7.29 17.38 18.96
C GLU A 410 8.30 16.93 17.91
N GLY A 411 9.41 16.34 18.35
CA GLY A 411 10.40 15.83 17.42
C GLY A 411 11.76 15.67 18.03
N HIS A 412 12.72 15.32 17.20
CA HIS A 412 14.09 15.10 17.61
C HIS A 412 14.91 16.00 16.78
N CYS A 413 15.47 17.02 17.40
CA CYS A 413 16.37 17.92 16.72
C CYS A 413 17.60 17.15 16.40
N SER A 414 18.14 17.31 15.20
CA SER A 414 19.26 16.49 14.78
C SER A 414 20.62 16.92 15.39
N GLN A 415 20.81 18.19 15.74
CA GLN A 415 22.11 18.66 16.24
C GLN A 415 22.46 18.01 17.61
N ALA A 416 23.69 17.56 17.75
CA ALA A 416 24.15 17.07 19.04
C ALA A 416 24.05 18.20 20.10
N SER A 417 23.70 17.84 21.33
CA SER A 417 23.86 18.82 22.43
C SER A 417 25.26 18.72 23.02
N ARG A 418 25.82 19.84 23.44
CA ARG A 418 27.17 19.82 24.02
C ARG A 418 27.30 20.78 25.18
N SER A 419 28.30 20.54 26.01
CA SER A 419 28.56 21.39 27.14
C SER A 419 30.04 21.35 27.46
N GLU A 420 30.60 22.51 27.70
CA GLU A 420 32.02 22.75 27.80
C GLU A 420 32.28 23.76 28.89
N PRO A 421 33.42 23.64 29.57
CA PRO A 421 33.72 24.63 30.59
C PRO A 421 34.14 25.97 30.04
N LEU A 422 33.72 27.03 30.71
CA LEU A 422 34.32 28.36 30.55
C LEU A 422 35.39 28.63 31.62
N VAL A 423 36.39 29.41 31.26
CA VAL A 423 37.41 29.83 32.19
C VAL A 423 37.07 31.23 32.68
N SER A 424 37.18 31.49 33.98
CA SER A 424 37.13 32.89 34.45
C SER A 424 38.28 33.30 35.38
N PHE A 425 38.51 34.59 35.50
CA PHE A 425 39.42 35.13 36.50
C PHE A 425 38.61 36.06 37.37
N SER A 426 37.69 36.77 36.71
CA SER A 426 36.62 37.47 37.38
C SER A 426 36.16 36.61 38.53
N THR A 427 36.19 37.20 39.72
CA THR A 427 35.94 36.47 40.93
C THR A 427 34.43 36.36 40.90
N VAL A 428 33.83 37.03 39.90
CA VAL A 428 32.37 37.11 39.71
C VAL A 428 31.69 35.80 39.52
N LEU A 429 30.38 35.86 39.68
CA LEU A 429 29.52 34.76 39.34
C LEU A 429 29.73 34.60 37.88
N LYS A 430 29.18 33.51 37.39
CA LYS A 430 29.10 33.23 35.97
C LYS A 430 28.45 31.87 35.70
N GLN A 431 28.08 31.64 34.47
CA GLN A 431 27.67 30.32 34.09
C GLN A 431 29.03 29.69 33.99
N PRO A 432 29.24 28.52 34.60
CA PRO A 432 30.50 27.80 34.42
C PRO A 432 30.64 27.03 33.07
N PHE A 433 29.54 26.88 32.32
CA PHE A 433 29.52 26.09 31.09
C PHE A 433 28.93 26.81 29.88
N ARG A 434 29.61 26.66 28.74
CA ARG A 434 29.11 27.05 27.46
C ARG A 434 28.46 25.81 26.90
N SER A 435 27.21 25.93 26.53
CA SER A 435 26.53 24.80 26.00
C SER A 435 25.63 25.13 24.80
N SER A 436 25.35 24.10 24.02
CA SER A 436 24.41 24.19 22.95
C SER A 436 23.50 22.96 23.03
N CYS A 437 22.19 23.21 22.93
CA CYS A 437 21.18 22.16 23.00
C CYS A 437 20.00 22.63 22.17
N HIS A 438 19.54 21.81 21.23
CA HIS A 438 18.36 22.21 20.44
C HIS A 438 17.11 21.49 20.91
N CYS A 439 16.03 22.25 20.96
CA CYS A 439 14.74 21.79 21.46
C CYS A 439 13.71 22.14 20.43
N CYS A 440 12.69 21.30 20.32
CA CYS A 440 11.64 21.53 19.37
C CYS A 440 10.60 22.38 20.06
N ARG A 441 10.41 23.59 19.54
CA ARG A 441 9.68 24.62 20.27
C ARG A 441 8.81 25.44 19.34
N PRO A 442 7.81 26.15 19.90
CA PRO A 442 7.09 27.08 19.02
C PRO A 442 7.98 28.19 18.43
N GLN A 443 7.85 28.38 17.13
CA GLN A 443 8.50 29.45 16.43
C GLN A 443 7.51 30.61 16.40
N THR A 444 6.26 30.33 16.06
CA THR A 444 5.23 31.37 16.08
C THR A 444 3.99 30.85 16.78
N SER A 445 3.32 31.74 17.50
CA SER A 445 2.04 31.40 18.04
C SER A 445 1.14 32.59 18.30
N LYS A 446 -0.13 32.30 18.53
CA LYS A 446 -1.13 33.36 18.72
C LYS A 446 -1.99 33.12 19.94
N LEU A 447 -2.46 34.21 20.55
CA LEU A 447 -3.16 34.14 21.82
C LEU A 447 -4.61 33.86 21.62
N LYS A 448 -5.15 33.05 22.49
CA LYS A 448 -6.53 32.65 22.36
C LYS A 448 -7.24 32.75 23.69
N ALA A 449 -8.55 32.97 23.65
CA ALA A 449 -9.34 33.14 24.87
C ALA A 449 -10.70 32.47 24.73
N LEU A 450 -11.17 31.92 25.83
CA LEU A 450 -12.36 31.12 25.84
C LEU A 450 -13.10 31.34 27.15
N ARG A 451 -14.41 31.54 26.99
CA ARG A 451 -15.35 31.79 28.06
C ARG A 451 -15.86 30.46 28.56
N LEU A 452 -15.75 30.25 29.86
CA LEU A 452 -16.33 29.08 30.46
C LEU A 452 -17.49 29.52 31.35
N ARG A 453 -18.48 28.65 31.40
CA ARG A 453 -19.67 28.89 32.17
C ARG A 453 -19.49 28.06 33.43
N CYS A 454 -19.58 28.71 34.59
CA CYS A 454 -19.49 27.97 35.83
C CYS A 454 -20.76 28.07 36.67
N SER A 455 -21.05 26.97 37.36
CA SER A 455 -22.17 26.90 38.28
C SER A 455 -21.67 27.16 39.71
N GLY A 456 -21.93 28.34 40.24
CA GLY A 456 -22.63 29.39 39.52
C GLY A 456 -21.97 30.74 39.69
N GLY A 457 -20.65 30.74 39.85
CA GLY A 457 -19.91 31.98 40.03
C GLY A 457 -18.46 31.70 39.70
N MET A 458 -17.90 32.47 38.79
CA MET A 458 -18.68 33.23 37.82
C MET A 458 -18.03 32.87 36.51
N ARG A 459 -18.45 33.52 35.44
CA ARG A 459 -17.81 33.33 34.13
C ARG A 459 -16.29 33.63 34.06
N LEU A 460 -15.48 32.62 33.79
CA LEU A 460 -14.03 32.79 33.79
C LEU A 460 -13.53 32.79 32.37
N THR A 461 -12.42 33.46 32.12
CA THR A 461 -11.83 33.44 30.79
C THR A 461 -10.50 32.74 30.89
N ALA A 462 -10.35 31.71 30.10
CA ALA A 462 -9.09 30.98 30.00
C ALA A 462 -8.34 31.44 28.78
N THR A 463 -7.06 31.77 28.92
CA THR A 463 -6.24 32.02 27.74
C THR A 463 -5.18 30.95 27.57
N TYR A 464 -4.76 30.78 26.33
CA TYR A 464 -3.76 29.80 25.94
C TYR A 464 -3.22 30.21 24.59
N ARG A 465 -2.01 29.78 24.25
CA ARG A 465 -1.45 30.13 22.98
C ARG A 465 -1.71 28.99 22.01
N TYR A 466 -2.10 29.34 20.79
CA TYR A 466 -2.27 28.38 19.70
C TYR A 466 -0.99 28.38 18.83
N ILE A 467 -0.27 27.25 18.79
CA ILE A 467 1.03 27.18 18.10
C ILE A 467 0.85 27.14 16.57
N LEU A 468 1.54 28.02 15.86
CA LEU A 468 1.39 28.17 14.41
C LEU A 468 2.47 27.41 13.65
N SER A 469 3.65 27.32 14.26
CA SER A 469 4.80 26.64 13.69
C SER A 469 5.81 26.28 14.80
N CYS A 470 6.59 25.22 14.56
CA CYS A 470 7.64 24.77 15.43
C CYS A 470 8.99 24.85 14.73
N HIS A 471 10.06 24.97 15.51
CA HIS A 471 11.40 24.89 14.96
C HIS A 471 12.34 24.40 16.03
N CYS A 472 13.53 24.03 15.63
CA CYS A 472 14.52 23.59 16.59
C CYS A 472 15.31 24.78 17.08
N GLU A 473 15.13 25.18 18.35
CA GLU A 473 15.92 26.29 18.85
C GLU A 473 16.76 25.97 20.08
N GLU A 474 17.82 26.75 20.24
CA GLU A 474 18.65 26.66 21.39
C GLU A 474 17.82 26.75 22.68
N CYS A 475 18.13 25.84 23.59
CA CYS A 475 17.57 25.72 24.95
C CYS A 475 17.60 26.96 25.85
N ASN A 476 18.79 27.45 26.15
CA ASN A 476 18.91 28.69 26.90
C ASN A 476 19.03 29.81 25.91
N SER A 477 17.87 30.28 25.45
CA SER A 477 17.81 31.41 24.55
C SER A 477 17.36 32.62 25.35
C1 GLC B . -4.54 -4.97 -6.02
C2 GLC B . -3.17 -5.47 -5.63
C3 GLC B . -2.06 -4.44 -5.76
C4 GLC B . -2.07 -3.75 -7.11
C5 GLC B . -3.46 -3.21 -7.38
C6 GLC B . -3.55 -2.77 -8.83
O1 GLC B . -5.08 -4.15 -5.01
O2 GLC B . -3.24 -5.85 -4.27
O3 GLC B . -0.79 -5.08 -5.58
O4 GLC B . -1.14 -2.68 -7.10
O5 GLC B . -4.46 -4.20 -7.22
O6 GLC B . -4.38 -1.62 -9.00
C1 GLC B . 0.14 -2.94 -7.70
C2 GLC B . 1.24 -2.43 -6.77
C3 GLC B . 1.13 -0.91 -6.59
C4 GLC B . 1.15 -0.22 -7.94
C5 GLC B . 0.12 -0.85 -8.86
C6 GLC B . 0.23 -0.31 -10.27
O2 GLC B . 1.10 -3.07 -5.53
O3 GLC B . 2.20 -0.41 -5.78
O4 GLC B . 0.93 1.20 -7.82
O5 GLC B . 0.28 -2.26 -8.94
O6 GLC B . -1.02 -0.50 -10.94
#